data_8X6C
#
_entry.id   8X6C
#
_cell.length_a   76.690
_cell.length_b   83.760
_cell.length_c   61.620
_cell.angle_alpha   90.00
_cell.angle_beta   100.46
_cell.angle_gamma   90.00
#
_symmetry.space_group_name_H-M   'C 1 2 1'
#
loop_
_entity.id
_entity.type
_entity.pdbx_description
1 polymer '4-hydroxyphenylpyruvate dioxygenase'
2 non-polymer 'COBALT (II) ION'
3 non-polymer 7-[[2,6-bis(oxidanylidene)cyclohexylidene]-oxidanyl-methyl]-1,6-dimethyl-4-[[4-(trifluoromethyloxy)phenyl]methyl]-3~{H}-1,4-benzodiazepine-2,5-dione
4 water water
#
_entity_poly.entity_id   1
_entity_poly.type   'polypeptide(L)'
_entity_poly.pdbx_seq_one_letter_code
;GSHMVRKNPKSDKFKVKRFHHIEFWCGDATNVARRFSWGLGMRFSAKSDLSTGNMVHASYLLTSGDLRFLFTAPYSPSLS
AGEIKPTTTASIPSFDHGSCRSFFSSHGLGVRAVAIEVEDAESAFSISVANGAIPSSPPIVLNEAVTIAEVKLYGDVVLR
YVSYKAEDTEKSEFLPGFERVEDASSFPLDYGIRRLDHAVGNVPELGPALTYVAGFTGFHQFAEFTADDVGTAESGLNSA
VLASNDEMVLLPINEPVHGTKRKSQIQTYLEHNEGAGLQHLALMSEDIFRTLREMRKRSSIGGFDFMPSPPPTYYQNLKK
RVGDVLSDDQIKECEELGILVDRDDQGTLLQIFTKPLGDRPTIFIEIIQRVGCMMKDEEGKAYQSGGCGGFGKGNFSELF
KSIEEYEKTLEAKQLVG
;
_entity_poly.pdbx_strand_id   A
#
loop_
_chem_comp.id
_chem_comp.type
_chem_comp.name
_chem_comp.formula
CO non-polymer 'COBALT (II) ION' 'Co 2'
YFM non-polymer 7-[[2,6-bis(oxidanylidene)cyclohexylidene]-oxidanyl-methyl]-1,6-dimethyl-4-[[4-(trifluoromethyloxy)phenyl]methyl]-3~{H}-1,4-benzodiazepine-2,5-dione 'C26 H23 F3 N2 O6'
#
# COMPACT_ATOMS: atom_id res chain seq x y z
N LYS A 7 1.52 -0.21 -24.87
CA LYS A 7 0.57 -1.25 -25.30
C LYS A 7 -0.14 -1.88 -24.10
N ASN A 8 -1.46 -1.79 -24.09
CA ASN A 8 -2.30 -2.34 -23.02
C ASN A 8 -3.17 -3.43 -23.62
N PRO A 9 -2.76 -4.71 -23.56
CA PRO A 9 -3.55 -5.78 -24.18
C PRO A 9 -4.84 -6.11 -23.44
N LYS A 10 -5.09 -5.48 -22.29
CA LYS A 10 -6.33 -5.62 -21.54
C LYS A 10 -6.72 -7.08 -21.34
N SER A 11 -5.81 -7.81 -20.68
CA SER A 11 -5.90 -9.27 -20.59
C SER A 11 -6.34 -9.78 -19.22
N ASP A 12 -6.90 -8.91 -18.37
CA ASP A 12 -7.46 -9.33 -17.08
C ASP A 12 -8.35 -10.55 -17.25
N LYS A 13 -8.13 -11.57 -16.42
CA LYS A 13 -8.92 -12.78 -16.52
C LYS A 13 -10.25 -12.68 -15.78
N PHE A 14 -10.45 -11.61 -15.00
CA PHE A 14 -11.72 -11.33 -14.35
C PHE A 14 -11.85 -9.82 -14.23
N LYS A 15 -13.06 -9.34 -13.91
CA LYS A 15 -13.32 -7.91 -13.83
C LYS A 15 -12.83 -7.36 -12.50
N VAL A 16 -11.84 -6.47 -12.57
CA VAL A 16 -11.24 -5.81 -11.41
C VAL A 16 -11.70 -4.37 -11.42
N LYS A 17 -12.04 -3.84 -10.24
CA LYS A 17 -12.52 -2.47 -10.18
C LYS A 17 -11.44 -1.53 -9.64
N ARG A 18 -11.28 -1.44 -8.32
CA ARG A 18 -10.28 -0.54 -7.74
C ARG A 18 -9.66 -1.22 -6.53
N PHE A 19 -8.53 -0.69 -6.09
CA PHE A 19 -8.05 -1.01 -4.76
C PHE A 19 -9.17 -0.77 -3.77
N HIS A 20 -9.34 -1.70 -2.83
CA HIS A 20 -10.40 -1.59 -1.83
C HIS A 20 -9.87 -1.22 -0.46
N HIS A 21 -8.91 -1.97 0.06
CA HIS A 21 -8.35 -1.66 1.38
C HIS A 21 -7.03 -2.39 1.51
N ILE A 22 -6.26 -1.96 2.52
CA ILE A 22 -5.00 -2.59 2.88
C ILE A 22 -5.14 -3.02 4.34
N GLU A 23 -4.78 -4.26 4.66
CA GLU A 23 -4.87 -4.76 6.04
C GLU A 23 -3.49 -5.01 6.64
N PHE A 24 -3.23 -4.34 7.75
CA PHE A 24 -2.04 -4.54 8.56
C PHE A 24 -2.34 -5.60 9.62
N TRP A 25 -1.43 -6.55 9.77
CA TRP A 25 -1.48 -7.47 10.90
C TRP A 25 -0.54 -6.97 11.98
N CYS A 26 -1.08 -6.86 13.19
CA CYS A 26 -0.46 -6.08 14.27
C CYS A 26 -0.36 -6.94 15.51
N GLY A 27 0.42 -6.45 16.47
CA GLY A 27 0.38 -7.09 17.77
C GLY A 27 -0.73 -6.47 18.59
N ASP A 28 -0.80 -5.14 18.55
CA ASP A 28 -1.87 -4.36 19.18
C ASP A 28 -2.45 -3.43 18.13
N ALA A 29 -3.67 -3.72 17.66
CA ALA A 29 -4.26 -2.92 16.58
C ALA A 29 -4.60 -1.51 17.06
N THR A 30 -5.00 -1.36 18.32
CA THR A 30 -5.41 -0.07 18.86
C THR A 30 -4.29 0.95 18.73
N ASN A 31 -3.07 0.60 19.19
CA ASN A 31 -1.98 1.57 19.20
C ASN A 31 -1.48 1.87 17.79
N VAL A 32 -1.40 0.87 16.92
CA VAL A 32 -0.99 1.15 15.55
C VAL A 32 -2.01 2.05 14.88
N ALA A 33 -3.31 1.73 15.03
CA ALA A 33 -4.33 2.52 14.33
C ALA A 33 -4.38 3.95 14.85
N ARG A 34 -4.20 4.15 16.17
CA ARG A 34 -4.22 5.52 16.67
C ARG A 34 -3.04 6.34 16.14
N ARG A 35 -1.86 5.71 16.11
CA ARG A 35 -0.67 6.35 15.57
C ARG A 35 -0.86 6.72 14.11
N PHE A 36 -1.30 5.76 13.29
CA PHE A 36 -1.51 6.04 11.86
C PHE A 36 -2.57 7.12 11.66
N SER A 37 -3.64 7.07 12.43
CA SER A 37 -4.71 8.06 12.30
C SER A 37 -4.17 9.48 12.45
N TRP A 38 -3.43 9.72 13.54
CA TRP A 38 -2.85 11.03 13.77
C TRP A 38 -1.78 11.37 12.74
N GLY A 39 -0.91 10.41 12.41
CA GLY A 39 0.21 10.68 11.52
C GLY A 39 -0.19 10.96 10.07
N LEU A 40 -1.24 10.29 9.59
CA LEU A 40 -1.65 10.41 8.19
C LEU A 40 -2.93 11.18 7.99
N GLY A 41 -3.63 11.55 9.05
CA GLY A 41 -4.88 12.28 8.93
C GLY A 41 -6.02 11.43 8.43
N MET A 42 -6.18 10.23 8.99
CA MET A 42 -7.26 9.34 8.60
C MET A 42 -8.20 9.21 9.78
N ARG A 43 -9.49 9.13 9.52
CA ARG A 43 -10.44 9.05 10.62
C ARG A 43 -10.84 7.62 10.89
N PHE A 44 -11.25 7.37 12.14
CA PHE A 44 -11.78 6.06 12.53
C PHE A 44 -13.20 5.90 11.97
N SER A 45 -13.39 4.91 11.10
CA SER A 45 -14.65 4.77 10.37
C SER A 45 -15.45 3.52 10.70
N ALA A 46 -14.82 2.42 11.11
CA ALA A 46 -15.57 1.22 11.45
C ALA A 46 -14.73 0.39 12.42
N LYS A 47 -15.39 -0.50 13.14
CA LYS A 47 -14.70 -1.39 14.06
C LYS A 47 -15.38 -2.75 14.12
N SER A 48 -14.60 -3.75 14.46
CA SER A 48 -15.08 -5.10 14.76
C SER A 48 -14.18 -5.59 15.89
N ASP A 49 -14.75 -5.77 17.07
CA ASP A 49 -13.95 -6.10 18.24
C ASP A 49 -14.89 -6.64 19.32
N LEU A 50 -14.40 -6.72 20.56
CA LEU A 50 -15.23 -7.26 21.63
C LEU A 50 -16.54 -6.51 21.74
N SER A 51 -16.53 -5.19 21.50
CA SER A 51 -17.76 -4.43 21.67
C SER A 51 -18.77 -4.68 20.56
N THR A 52 -18.37 -5.32 19.48
CA THR A 52 -19.30 -5.71 18.43
C THR A 52 -19.58 -7.22 18.43
N GLY A 53 -19.07 -7.95 19.43
CA GLY A 53 -19.31 -9.37 19.53
C GLY A 53 -18.24 -10.25 18.91
N ASN A 54 -17.15 -9.68 18.43
CA ASN A 54 -16.04 -10.43 17.86
C ASN A 54 -15.11 -10.86 19.00
N MET A 55 -15.07 -12.17 19.29
CA MET A 55 -14.22 -12.72 20.33
C MET A 55 -12.89 -13.24 19.81
N VAL A 56 -12.62 -13.03 18.53
CA VAL A 56 -11.48 -13.61 17.85
C VAL A 56 -10.40 -12.57 17.58
N HIS A 57 -10.77 -11.47 16.93
CA HIS A 57 -9.78 -10.47 16.53
C HIS A 57 -10.33 -9.06 16.73
N ALA A 58 -9.42 -8.13 16.99
CA ALA A 58 -9.72 -6.70 17.05
C ALA A 58 -9.34 -6.09 15.71
N SER A 59 -10.29 -5.44 15.04
CA SER A 59 -10.03 -4.83 13.75
C SER A 59 -10.57 -3.42 13.71
N TYR A 60 -9.73 -2.45 13.32
CA TYR A 60 -10.14 -1.05 13.24
C TYR A 60 -9.85 -0.49 11.87
N LEU A 61 -10.82 0.22 11.31
CA LEU A 61 -10.70 0.75 9.96
C LEU A 61 -10.52 2.26 10.01
N LEU A 62 -9.46 2.74 9.36
CA LEU A 62 -9.25 4.17 9.14
C LEU A 62 -9.57 4.49 7.68
N THR A 63 -10.14 5.67 7.43
CA THR A 63 -10.39 6.09 6.06
C THR A 63 -9.89 7.51 5.82
N SER A 64 -9.46 7.75 4.59
CA SER A 64 -9.22 9.11 4.12
C SER A 64 -9.61 9.12 2.64
N GLY A 65 -10.68 9.82 2.30
CA GLY A 65 -11.18 9.74 0.94
C GLY A 65 -11.56 8.29 0.63
N ASP A 66 -10.96 7.74 -0.43
CA ASP A 66 -11.23 6.35 -0.80
C ASP A 66 -10.22 5.39 -0.19
N LEU A 67 -9.21 5.89 0.51
CA LEU A 67 -8.20 5.03 1.11
C LEU A 67 -8.75 4.38 2.37
N ARG A 68 -8.58 3.06 2.47
CA ARG A 68 -9.04 2.31 3.63
C ARG A 68 -7.86 1.53 4.19
N PHE A 69 -7.49 1.82 5.43
CA PHE A 69 -6.46 1.08 6.16
C PHE A 69 -7.14 0.30 7.27
N LEU A 70 -6.93 -1.03 7.30
CA LEU A 70 -7.46 -1.92 8.32
C LEU A 70 -6.34 -2.43 9.19
N PHE A 71 -6.53 -2.37 10.52
CA PHE A 71 -5.54 -2.81 11.52
C PHE A 71 -6.16 -3.92 12.34
N THR A 72 -5.54 -5.10 12.33
CA THR A 72 -6.12 -6.28 12.97
C THR A 72 -5.10 -6.97 13.87
N ALA A 73 -5.55 -7.42 15.03
CA ALA A 73 -4.72 -8.18 15.95
C ALA A 73 -5.55 -9.26 16.61
N PRO A 74 -4.92 -10.38 17.00
CA PRO A 74 -5.67 -11.45 17.68
C PRO A 74 -5.87 -11.18 19.16
N TYR A 75 -7.04 -11.62 19.67
CA TYR A 75 -7.25 -11.73 21.11
C TYR A 75 -6.65 -13.05 21.60
N SER A 76 -6.72 -13.29 22.91
CA SER A 76 -6.37 -14.61 23.44
C SER A 76 -7.24 -15.67 22.76
N PRO A 77 -6.66 -16.74 22.23
CA PRO A 77 -7.49 -17.82 21.68
C PRO A 77 -8.51 -18.33 22.70
N SER A 78 -8.20 -18.16 23.99
CA SER A 78 -9.09 -18.67 25.02
C SER A 78 -10.49 -18.07 24.95
N LEU A 79 -10.62 -16.84 24.42
CA LEU A 79 -11.96 -16.23 24.34
C LEU A 79 -12.85 -16.92 23.33
N SER A 80 -12.28 -17.58 22.32
CA SER A 80 -13.04 -18.19 21.24
C SER A 80 -12.82 -19.70 21.18
N ALA A 81 -12.35 -20.29 22.28
CA ALA A 81 -11.93 -21.69 22.24
C ALA A 81 -13.11 -22.62 21.96
N GLY A 82 -14.32 -22.21 22.35
CA GLY A 82 -15.48 -23.03 22.07
C GLY A 82 -15.98 -22.93 20.66
N GLU A 83 -15.46 -22.02 19.86
CA GLU A 83 -15.99 -21.77 18.54
C GLU A 83 -15.40 -22.74 17.51
N ILE A 84 -16.16 -22.96 16.44
CA ILE A 84 -15.64 -23.60 15.24
C ILE A 84 -15.98 -22.66 14.09
N LYS A 85 -15.31 -22.86 12.95
CA LYS A 85 -15.56 -21.94 11.83
C LYS A 85 -17.05 -21.75 11.56
N PRO A 86 -17.91 -22.78 11.55
CA PRO A 86 -19.35 -22.54 11.38
C PRO A 86 -19.98 -21.65 12.44
N THR A 87 -19.41 -21.55 13.64
CA THR A 87 -19.97 -20.74 14.72
C THR A 87 -19.11 -19.52 15.04
N THR A 88 -18.16 -19.16 14.16
CA THR A 88 -17.18 -18.12 14.50
C THR A 88 -17.85 -16.77 14.76
N THR A 89 -17.25 -15.99 15.67
CA THR A 89 -17.62 -14.59 15.83
C THR A 89 -16.68 -13.65 15.11
N ALA A 90 -15.67 -14.18 14.40
CA ALA A 90 -14.79 -13.34 13.60
C ALA A 90 -15.57 -12.72 12.44
N SER A 91 -15.33 -11.45 12.18
CA SER A 91 -15.95 -10.80 11.03
C SER A 91 -15.15 -10.99 9.75
N ILE A 92 -13.88 -11.35 9.88
CA ILE A 92 -13.07 -11.68 8.71
C ILE A 92 -12.77 -13.17 8.77
N PRO A 93 -13.51 -13.99 8.02
CA PRO A 93 -13.43 -15.45 8.23
C PRO A 93 -12.10 -16.05 7.85
N SER A 94 -11.31 -15.37 7.03
CA SER A 94 -9.97 -15.84 6.74
C SER A 94 -9.01 -15.70 7.92
N PHE A 95 -9.38 -14.96 8.96
CA PHE A 95 -8.45 -14.74 10.07
C PHE A 95 -8.13 -16.03 10.80
N ASP A 96 -6.88 -16.15 11.24
CA ASP A 96 -6.46 -17.30 12.03
C ASP A 96 -5.45 -16.84 13.08
N HIS A 97 -5.70 -17.18 14.35
CA HIS A 97 -4.79 -16.74 15.42
C HIS A 97 -3.35 -17.14 15.11
N GLY A 98 -3.14 -18.41 14.78
CA GLY A 98 -1.78 -18.90 14.57
C GLY A 98 -1.11 -18.27 13.36
N SER A 99 -1.85 -18.11 12.25
CA SER A 99 -1.28 -17.44 11.09
C SER A 99 -0.87 -16.02 11.44
N CYS A 100 -1.71 -15.33 12.19
CA CYS A 100 -1.43 -13.92 12.50
C CYS A 100 -0.24 -13.79 13.43
N ARG A 101 -0.15 -14.63 14.45
CA ARG A 101 1.00 -14.53 15.35
C ARG A 101 2.29 -14.95 14.64
N SER A 102 2.22 -15.98 13.80
CA SER A 102 3.40 -16.39 13.04
C SER A 102 3.84 -15.29 12.08
N PHE A 103 2.89 -14.69 11.36
CA PHE A 103 3.21 -13.58 10.47
C PHE A 103 3.92 -12.47 11.24
N PHE A 104 3.35 -12.06 12.36
CA PHE A 104 3.93 -10.92 13.08
C PHE A 104 5.28 -11.27 13.69
N SER A 105 5.40 -12.46 14.28
CA SER A 105 6.71 -12.84 14.83
C SER A 105 7.76 -12.89 13.73
N SER A 106 7.38 -13.32 12.52
CA SER A 106 8.34 -13.48 11.42
C SER A 106 8.71 -12.14 10.78
N HIS A 107 7.72 -11.30 10.50
CA HIS A 107 7.93 -10.11 9.70
C HIS A 107 7.82 -8.81 10.48
N GLY A 108 7.28 -8.84 11.68
CA GLY A 108 6.96 -7.60 12.37
C GLY A 108 5.76 -6.95 11.71
N LEU A 109 5.51 -5.71 12.11
CA LEU A 109 4.36 -4.97 11.62
C LEU A 109 4.40 -4.79 10.10
N GLY A 110 3.32 -5.17 9.43
CA GLY A 110 3.31 -5.02 8.00
C GLY A 110 1.97 -5.40 7.39
N VAL A 111 1.94 -5.36 6.06
CA VAL A 111 0.71 -5.60 5.30
C VAL A 111 0.51 -7.11 5.11
N ARG A 112 -0.60 -7.62 5.60
CA ARG A 112 -1.03 -8.98 5.32
C ARG A 112 -1.80 -9.08 4.00
N ALA A 113 -2.70 -8.13 3.75
CA ALA A 113 -3.61 -8.26 2.62
C ALA A 113 -3.64 -6.98 1.78
N VAL A 114 -3.50 -7.16 0.47
CA VAL A 114 -3.78 -6.13 -0.52
C VAL A 114 -5.12 -6.48 -1.13
N ALA A 115 -6.17 -5.70 -0.83
CA ALA A 115 -7.51 -6.09 -1.25
C ALA A 115 -7.93 -5.23 -2.43
N ILE A 116 -8.46 -5.89 -3.45
CA ILE A 116 -9.03 -5.20 -4.60
C ILE A 116 -10.50 -5.58 -4.72
N GLU A 117 -11.33 -4.61 -5.12
CA GLU A 117 -12.74 -4.89 -5.35
C GLU A 117 -12.90 -5.44 -6.75
N VAL A 118 -13.66 -6.52 -6.85
CA VAL A 118 -13.89 -7.19 -8.12
C VAL A 118 -15.38 -7.35 -8.31
N GLU A 119 -15.73 -7.79 -9.52
CA GLU A 119 -17.12 -7.98 -9.85
C GLU A 119 -17.69 -9.18 -9.09
N ASP A 120 -16.91 -10.24 -8.97
CA ASP A 120 -17.39 -11.49 -8.37
C ASP A 120 -16.18 -12.19 -7.75
N ALA A 121 -16.05 -12.10 -6.42
CA ALA A 121 -14.88 -12.63 -5.74
C ALA A 121 -14.77 -14.14 -5.87
N GLU A 122 -15.90 -14.84 -5.90
CA GLU A 122 -15.82 -16.29 -6.09
C GLU A 122 -15.28 -16.64 -7.47
N SER A 123 -15.79 -15.99 -8.53
CA SER A 123 -15.26 -16.28 -9.84
C SER A 123 -13.81 -15.81 -9.97
N ALA A 124 -13.47 -14.63 -9.43
CA ALA A 124 -12.08 -14.21 -9.44
C ALA A 124 -11.18 -15.24 -8.75
N PHE A 125 -11.66 -15.83 -7.66
CA PHE A 125 -10.87 -16.83 -6.96
C PHE A 125 -10.72 -18.10 -7.79
N SER A 126 -11.82 -18.60 -8.34
CA SER A 126 -11.77 -19.83 -9.14
C SER A 126 -10.86 -19.64 -10.36
N ILE A 127 -11.06 -18.55 -11.10
CA ILE A 127 -10.22 -18.30 -12.28
C ILE A 127 -8.77 -18.13 -11.88
N SER A 128 -8.50 -17.40 -10.78
CA SER A 128 -7.12 -17.24 -10.34
C SER A 128 -6.47 -18.58 -10.07
N VAL A 129 -7.15 -19.45 -9.32
CA VAL A 129 -6.56 -20.73 -8.95
C VAL A 129 -6.45 -21.63 -10.17
N ALA A 130 -7.44 -21.57 -11.07
CA ALA A 130 -7.36 -22.30 -12.34
C ALA A 130 -6.11 -21.89 -13.11
N ASN A 131 -5.61 -20.68 -12.88
CA ASN A 131 -4.51 -20.11 -13.63
C ASN A 131 -3.24 -19.96 -12.79
N GLY A 132 -3.08 -20.81 -11.77
CA GLY A 132 -1.82 -20.94 -11.06
C GLY A 132 -1.78 -20.30 -9.69
N ALA A 133 -2.81 -19.56 -9.29
CA ALA A 133 -2.79 -18.91 -7.98
C ALA A 133 -2.81 -19.96 -6.87
N ILE A 134 -1.98 -19.75 -5.86
CA ILE A 134 -2.00 -20.60 -4.67
C ILE A 134 -3.10 -20.12 -3.74
N PRO A 135 -4.10 -20.94 -3.47
CA PRO A 135 -5.22 -20.49 -2.63
C PRO A 135 -4.77 -20.22 -1.21
N SER A 136 -5.37 -19.20 -0.60
CA SER A 136 -5.09 -18.89 0.78
C SER A 136 -6.32 -18.97 1.66
N SER A 137 -7.46 -18.47 1.19
CA SER A 137 -8.71 -18.60 1.90
C SER A 137 -9.82 -18.68 0.86
N PRO A 138 -10.68 -19.69 0.92
CA PRO A 138 -11.67 -19.87 -0.14
C PRO A 138 -12.77 -18.81 -0.05
N PRO A 139 -13.57 -18.67 -1.10
CA PRO A 139 -14.61 -17.64 -1.09
C PRO A 139 -15.62 -17.92 0.01
N ILE A 140 -15.97 -16.87 0.74
CA ILE A 140 -16.93 -16.96 1.83
C ILE A 140 -17.88 -15.80 1.67
N VAL A 141 -19.18 -16.09 1.74
CA VAL A 141 -20.20 -15.06 1.57
C VAL A 141 -20.62 -14.58 2.95
N LEU A 142 -20.54 -13.28 3.17
CA LEU A 142 -20.84 -12.67 4.46
C LEU A 142 -22.23 -12.06 4.39
N ASN A 143 -23.17 -12.59 5.17
CA ASN A 143 -24.52 -12.03 5.32
C ASN A 143 -25.22 -11.86 3.97
N GLU A 144 -24.95 -12.79 3.03
CA GLU A 144 -25.55 -12.76 1.70
C GLU A 144 -25.31 -11.42 0.99
N ALA A 145 -24.25 -10.73 1.35
CA ALA A 145 -24.05 -9.35 0.90
C ALA A 145 -22.68 -9.09 0.32
N VAL A 146 -21.63 -9.68 0.90
CA VAL A 146 -20.26 -9.45 0.47
C VAL A 146 -19.57 -10.80 0.37
N THR A 147 -18.77 -10.98 -0.67
CA THR A 147 -17.96 -12.19 -0.80
C THR A 147 -16.49 -11.80 -0.74
N ILE A 148 -15.71 -12.57 0.01
CA ILE A 148 -14.29 -12.34 0.18
C ILE A 148 -13.54 -13.65 -0.04
N ALA A 149 -12.39 -13.57 -0.71
CA ALA A 149 -11.53 -14.70 -0.99
C ALA A 149 -10.11 -14.20 -1.09
N GLU A 150 -9.13 -15.12 -0.88
CA GLU A 150 -7.73 -14.72 -0.83
C GLU A 150 -6.84 -15.74 -1.51
N VAL A 151 -5.83 -15.24 -2.23
CA VAL A 151 -4.79 -16.07 -2.84
C VAL A 151 -3.44 -15.47 -2.45
N LYS A 152 -2.39 -16.28 -2.57
CA LYS A 152 -1.07 -15.79 -2.19
C LYS A 152 -0.54 -14.85 -3.27
N LEU A 153 0.06 -13.73 -2.82
CA LEU A 153 0.64 -12.75 -3.74
C LEU A 153 2.15 -12.88 -3.81
N TYR A 154 2.84 -12.66 -2.69
CA TYR A 154 4.27 -12.93 -2.52
C TYR A 154 4.55 -12.98 -1.03
N GLY A 155 5.58 -13.74 -0.65
CA GLY A 155 5.85 -13.93 0.78
C GLY A 155 4.61 -14.42 1.51
N ASP A 156 4.26 -13.74 2.59
CA ASP A 156 3.04 -14.03 3.35
C ASP A 156 1.98 -12.97 3.14
N VAL A 157 2.09 -12.23 2.05
CA VAL A 157 1.08 -11.25 1.65
C VAL A 157 0.07 -11.95 0.75
N VAL A 158 -1.22 -11.69 0.98
CA VAL A 158 -2.28 -12.23 0.14
C VAL A 158 -2.89 -11.11 -0.70
N LEU A 159 -3.32 -11.48 -1.89
CA LEU A 159 -4.22 -10.65 -2.70
C LEU A 159 -5.65 -11.05 -2.34
N ARG A 160 -6.39 -10.12 -1.75
CA ARG A 160 -7.76 -10.36 -1.28
C ARG A 160 -8.75 -9.81 -2.30
N TYR A 161 -9.67 -10.66 -2.75
CA TYR A 161 -10.77 -10.22 -3.62
C TYR A 161 -12.00 -9.93 -2.77
N VAL A 162 -12.65 -8.80 -3.03
CA VAL A 162 -13.90 -8.43 -2.36
C VAL A 162 -14.92 -8.09 -3.45
N SER A 163 -16.15 -8.58 -3.30
CA SER A 163 -17.21 -8.20 -4.22
C SER A 163 -18.51 -7.98 -3.45
N TYR A 164 -19.28 -6.99 -3.88
CA TYR A 164 -20.51 -6.57 -3.23
C TYR A 164 -21.68 -6.85 -4.16
N LYS A 165 -22.71 -7.50 -3.65
CA LYS A 165 -23.96 -7.59 -4.40
C LYS A 165 -24.53 -6.20 -4.64
N ALA A 166 -24.68 -5.42 -3.58
CA ALA A 166 -25.11 -4.03 -3.71
C ALA A 166 -23.92 -3.08 -3.63
N GLU A 173 -20.64 -0.15 6.83
CA GLU A 173 -20.91 -0.74 5.53
C GLU A 173 -19.64 -1.33 4.89
N PHE A 174 -18.52 -1.28 5.61
CA PHE A 174 -17.26 -1.87 5.15
C PHE A 174 -17.46 -3.36 4.88
N LEU A 175 -17.61 -4.12 5.94
CA LEU A 175 -17.93 -5.54 5.85
C LEU A 175 -19.04 -5.82 6.85
N PRO A 176 -19.87 -6.83 6.58
CA PRO A 176 -20.83 -7.27 7.60
C PRO A 176 -20.10 -7.57 8.90
N GLY A 177 -20.72 -7.19 10.01
CA GLY A 177 -20.12 -7.42 11.30
C GLY A 177 -19.30 -6.26 11.83
N PHE A 178 -18.88 -5.35 10.95
CA PHE A 178 -18.26 -4.10 11.39
C PHE A 178 -19.35 -3.09 11.73
N GLU A 179 -19.13 -2.32 12.79
CA GLU A 179 -20.00 -1.22 13.14
C GLU A 179 -19.36 0.11 12.76
N ARG A 180 -20.19 1.04 12.28
CA ARG A 180 -19.76 2.40 12.03
C ARG A 180 -19.41 3.08 13.35
N VAL A 181 -18.38 3.92 13.35
CA VAL A 181 -17.77 4.35 14.60
C VAL A 181 -18.49 5.56 15.17
N GLU A 182 -18.68 5.54 16.49
CA GLU A 182 -19.31 6.62 17.26
C GLU A 182 -18.63 7.96 17.00
N ASP A 183 -19.44 8.98 16.68
CA ASP A 183 -18.90 10.24 16.21
C ASP A 183 -17.94 10.89 17.20
N ALA A 184 -18.08 10.59 18.50
CA ALA A 184 -17.17 11.18 19.48
C ALA A 184 -15.75 10.66 19.29
N SER A 185 -15.61 9.39 18.92
CA SER A 185 -14.31 8.82 18.60
C SER A 185 -13.87 9.12 17.17
N SER A 186 -14.79 9.52 16.29
CA SER A 186 -14.45 9.75 14.89
C SER A 186 -14.21 11.24 14.67
N PHE A 187 -13.01 11.67 15.00
CA PHE A 187 -12.56 13.04 14.73
C PHE A 187 -12.24 13.20 13.25
N PRO A 188 -12.80 14.21 12.56
CA PRO A 188 -12.70 14.27 11.08
C PRO A 188 -11.34 14.78 10.60
N LEU A 189 -10.26 14.09 11.00
CA LEU A 189 -8.94 14.41 10.46
C LEU A 189 -8.90 14.21 8.95
N ASP A 190 -8.17 15.08 8.27
CA ASP A 190 -7.98 14.95 6.82
C ASP A 190 -6.82 15.84 6.42
N TYR A 191 -5.72 15.22 5.95
CA TYR A 191 -4.58 15.98 5.45
C TYR A 191 -4.50 15.97 3.93
N GLY A 192 -5.53 15.48 3.25
CA GLY A 192 -5.58 15.50 1.80
C GLY A 192 -5.37 14.16 1.13
N ILE A 193 -5.08 13.09 1.84
CA ILE A 193 -4.88 11.81 1.15
C ILE A 193 -6.23 11.26 0.67
N ARG A 194 -6.25 10.70 -0.56
CA ARG A 194 -7.50 10.36 -1.18
C ARG A 194 -7.62 8.91 -1.65
N ARG A 195 -6.54 8.26 -2.10
CA ARG A 195 -6.68 6.87 -2.50
C ARG A 195 -5.31 6.19 -2.55
N LEU A 196 -5.34 4.85 -2.65
CA LEU A 196 -4.12 4.07 -2.87
C LEU A 196 -3.74 4.13 -4.32
N ASP A 197 -2.52 4.60 -4.60
CA ASP A 197 -2.11 4.66 -6.00
C ASP A 197 -1.45 3.36 -6.45
N HIS A 198 -0.56 2.79 -5.65
CA HIS A 198 0.05 1.51 -5.97
C HIS A 198 0.61 0.87 -4.70
N ALA A 199 0.81 -0.44 -4.77
CA ALA A 199 1.31 -1.24 -3.66
C ALA A 199 2.46 -2.10 -4.16
N VAL A 200 3.59 -2.08 -3.48
CA VAL A 200 4.86 -2.55 -4.03
C VAL A 200 5.41 -3.69 -3.18
N GLY A 201 5.78 -4.78 -3.85
CA GLY A 201 6.39 -5.93 -3.20
C GLY A 201 7.88 -6.02 -3.44
N ASN A 202 8.62 -6.52 -2.43
CA ASN A 202 10.03 -6.89 -2.58
C ASN A 202 10.12 -8.41 -2.58
N VAL A 203 10.87 -8.96 -3.53
CA VAL A 203 11.04 -10.41 -3.65
C VAL A 203 12.49 -10.71 -3.94
N PRO A 204 12.94 -11.93 -3.63
CA PRO A 204 14.31 -12.30 -4.00
C PRO A 204 14.52 -12.42 -5.49
N GLU A 205 13.51 -12.88 -6.25
CA GLU A 205 13.64 -13.08 -7.69
C GLU A 205 12.43 -12.49 -8.42
N LEU A 206 12.67 -11.45 -9.21
CA LEU A 206 11.58 -10.74 -9.89
C LEU A 206 10.90 -11.60 -10.95
N GLY A 207 11.67 -12.36 -11.71
CA GLY A 207 11.14 -13.12 -12.83
C GLY A 207 10.02 -14.05 -12.46
N PRO A 208 10.29 -14.97 -11.53
CA PRO A 208 9.22 -15.90 -11.09
C PRO A 208 8.05 -15.20 -10.43
N ALA A 209 8.31 -14.14 -9.67
CA ALA A 209 7.22 -13.40 -9.04
C ALA A 209 6.28 -12.81 -10.09
N LEU A 210 6.84 -12.18 -11.12
CA LEU A 210 6.02 -11.59 -12.18
C LEU A 210 5.21 -12.65 -12.90
N THR A 211 5.88 -13.73 -13.32
CA THR A 211 5.21 -14.79 -14.07
C THR A 211 4.04 -15.36 -13.28
N TYR A 212 4.25 -15.57 -11.97
CA TYR A 212 3.19 -16.11 -11.12
C TYR A 212 1.99 -15.17 -11.06
N VAL A 213 2.23 -13.89 -10.68
CA VAL A 213 1.10 -12.98 -10.49
C VAL A 213 0.41 -12.66 -11.83
N ALA A 214 1.19 -12.28 -12.84
CA ALA A 214 0.57 -12.03 -14.15
C ALA A 214 -0.12 -13.29 -14.68
N GLY A 215 0.41 -14.46 -14.31
CA GLY A 215 -0.18 -15.72 -14.74
C GLY A 215 -1.63 -15.88 -14.29
N PHE A 216 -1.91 -15.61 -13.01
CA PHE A 216 -3.25 -15.87 -12.49
C PHE A 216 -4.19 -14.66 -12.56
N THR A 217 -3.67 -13.44 -12.75
CA THR A 217 -4.55 -12.27 -12.87
C THR A 217 -4.87 -11.89 -14.30
N GLY A 218 -3.92 -12.12 -15.21
CA GLY A 218 -4.00 -11.48 -16.50
C GLY A 218 -3.51 -10.05 -16.51
N PHE A 219 -2.94 -9.56 -15.41
CA PHE A 219 -2.41 -8.20 -15.39
C PHE A 219 -1.24 -8.10 -16.36
N HIS A 220 -1.16 -6.97 -17.05
CA HIS A 220 -0.13 -6.77 -18.06
C HIS A 220 0.99 -5.90 -17.52
N GLN A 221 2.13 -5.96 -18.19
CA GLN A 221 3.28 -5.15 -17.80
C GLN A 221 3.04 -3.69 -18.19
N PHE A 222 3.10 -2.81 -17.20
CA PHE A 222 2.89 -1.39 -17.39
C PHE A 222 4.20 -0.74 -17.82
N ALA A 223 4.12 0.12 -18.83
CA ALA A 223 5.30 0.60 -19.57
C ALA A 223 6.13 1.58 -18.74
N GLU A 224 7.43 1.30 -18.64
CA GLU A 224 8.33 2.18 -17.88
C GLU A 224 9.06 3.17 -18.80
N GLU A 234 23.38 1.82 -11.67
CA GLU A 234 23.10 0.74 -10.73
C GLU A 234 22.87 1.27 -9.33
N SER A 235 21.62 1.13 -8.83
CA SER A 235 21.26 1.62 -7.51
C SER A 235 20.15 0.75 -6.91
N GLY A 236 20.47 -0.52 -6.68
CA GLY A 236 19.70 -1.31 -5.76
C GLY A 236 18.76 -2.35 -6.30
N LEU A 237 18.14 -2.11 -7.46
CA LEU A 237 16.99 -2.95 -7.80
C LEU A 237 16.81 -3.05 -9.30
N ASN A 238 16.09 -4.11 -9.70
CA ASN A 238 15.31 -4.17 -10.91
C ASN A 238 13.84 -4.21 -10.51
N SER A 239 12.97 -3.66 -11.35
CA SER A 239 11.56 -3.72 -11.02
C SER A 239 10.73 -3.78 -12.29
N ALA A 240 9.48 -4.19 -12.11
CA ALA A 240 8.47 -4.19 -13.17
C ALA A 240 7.11 -3.99 -12.51
N VAL A 241 6.16 -3.49 -13.28
CA VAL A 241 4.86 -3.09 -12.76
C VAL A 241 3.77 -3.86 -13.51
N LEU A 242 2.90 -4.53 -12.75
CA LEU A 242 1.72 -5.18 -13.31
C LEU A 242 0.50 -4.29 -13.10
N ALA A 243 -0.40 -4.26 -14.10
CA ALA A 243 -1.57 -3.37 -14.06
C ALA A 243 -2.82 -4.07 -14.58
N SER A 244 -3.97 -3.65 -14.05
CA SER A 244 -5.28 -4.14 -14.47
C SER A 244 -5.66 -3.45 -15.79
N ASN A 245 -6.85 -3.78 -16.30
CA ASN A 245 -7.24 -3.35 -17.65
C ASN A 245 -7.20 -1.82 -17.79
N ASP A 246 -7.82 -1.11 -16.85
CA ASP A 246 -7.78 0.35 -16.91
C ASP A 246 -6.57 0.94 -16.19
N GLU A 247 -5.64 0.09 -15.74
CA GLU A 247 -4.38 0.50 -15.14
C GLU A 247 -4.58 1.32 -13.86
N MET A 248 -5.71 1.09 -13.19
CA MET A 248 -5.99 1.70 -11.89
C MET A 248 -5.56 0.83 -10.71
N VAL A 249 -5.34 -0.46 -10.93
CA VAL A 249 -4.69 -1.31 -9.95
C VAL A 249 -3.27 -1.53 -10.44
N LEU A 250 -2.29 -1.06 -9.66
CA LEU A 250 -0.88 -1.06 -10.04
C LEU A 250 -0.07 -1.76 -8.97
N LEU A 251 0.63 -2.81 -9.36
CA LEU A 251 1.38 -3.67 -8.44
C LEU A 251 2.82 -3.77 -8.92
N PRO A 252 3.66 -2.81 -8.58
CA PRO A 252 5.09 -2.96 -8.86
C PRO A 252 5.72 -4.04 -7.99
N ILE A 253 6.77 -4.67 -8.51
CA ILE A 253 7.53 -5.68 -7.79
C ILE A 253 9.02 -5.42 -8.02
N ASN A 254 9.82 -5.47 -6.96
CA ASN A 254 11.27 -5.21 -7.01
C ASN A 254 12.04 -6.46 -6.63
N GLU A 255 13.25 -6.57 -7.18
CA GLU A 255 14.24 -7.55 -6.76
C GLU A 255 15.55 -6.83 -6.51
N PRO A 256 16.43 -7.38 -5.68
CA PRO A 256 17.71 -6.72 -5.43
C PRO A 256 18.66 -6.89 -6.62
N VAL A 257 19.57 -5.93 -6.75
CA VAL A 257 20.80 -6.12 -7.52
C VAL A 257 21.91 -6.29 -6.51
N HIS A 258 22.74 -7.31 -6.68
CA HIS A 258 23.68 -7.73 -5.65
C HIS A 258 25.10 -7.27 -5.94
N GLY A 259 25.86 -7.03 -4.87
CA GLY A 259 27.26 -6.64 -4.93
C GLY A 259 27.48 -5.31 -5.62
N THR A 260 26.93 -4.23 -5.04
CA THR A 260 26.66 -3.00 -5.80
C THR A 260 27.35 -1.77 -5.23
N LYS A 261 28.40 -1.93 -4.42
CA LYS A 261 29.12 -0.84 -3.76
C LYS A 261 28.32 -0.32 -2.56
N ARG A 262 27.15 0.27 -2.78
CA ARG A 262 26.22 0.65 -1.73
C ARG A 262 25.14 -0.42 -1.62
N LYS A 263 24.83 -0.84 -0.39
CA LYS A 263 23.98 -2.00 -0.19
C LYS A 263 22.57 -1.76 -0.71
N SER A 264 22.03 -2.77 -1.40
CA SER A 264 20.69 -2.66 -1.96
C SER A 264 19.64 -2.55 -0.86
N GLN A 265 18.78 -1.54 -0.97
CA GLN A 265 17.70 -1.41 0.01
C GLN A 265 16.71 -2.56 -0.10
N ILE A 266 16.62 -3.19 -1.27
CA ILE A 266 15.78 -4.37 -1.40
C ILE A 266 16.34 -5.51 -0.59
N GLN A 267 17.67 -5.70 -0.62
CA GLN A 267 18.27 -6.79 0.12
C GLN A 267 18.17 -6.56 1.62
N THR A 268 18.37 -5.32 2.07
CA THR A 268 18.18 -4.99 3.48
C THR A 268 16.76 -5.33 3.92
N TYR A 269 15.77 -4.95 3.11
CA TYR A 269 14.39 -5.33 3.37
C TYR A 269 14.25 -6.83 3.59
N LEU A 270 14.73 -7.63 2.64
CA LEU A 270 14.51 -9.07 2.71
C LEU A 270 15.16 -9.66 3.96
N GLU A 271 16.30 -9.11 4.37
CA GLU A 271 16.97 -9.58 5.58
C GLU A 271 16.16 -9.28 6.82
N HIS A 272 15.71 -8.02 6.96
CA HIS A 272 15.01 -7.67 8.19
C HIS A 272 13.57 -8.15 8.23
N ASN A 273 12.95 -8.40 7.07
CA ASN A 273 11.57 -8.87 6.98
C ASN A 273 11.46 -10.38 7.01
N GLU A 274 12.59 -11.10 7.02
CA GLU A 274 12.59 -12.55 6.82
C GLU A 274 11.91 -12.91 5.51
N GLY A 275 12.37 -12.29 4.42
CA GLY A 275 11.93 -12.67 3.09
C GLY A 275 10.99 -11.67 2.45
N ALA A 276 10.32 -12.13 1.40
CA ALA A 276 9.51 -11.26 0.57
C ALA A 276 8.33 -10.71 1.35
N GLY A 277 7.90 -9.51 0.93
CA GLY A 277 6.75 -8.87 1.53
C GLY A 277 6.52 -7.53 0.87
N LEU A 278 5.50 -6.82 1.37
CA LEU A 278 5.18 -5.53 0.81
C LEU A 278 6.19 -4.48 1.26
N GLN A 279 6.78 -3.77 0.30
CA GLN A 279 7.78 -2.74 0.58
C GLN A 279 7.14 -1.38 0.89
N HIS A 280 6.27 -0.88 0.01
CA HIS A 280 5.69 0.42 0.30
C HIS A 280 4.30 0.53 -0.28
N LEU A 281 3.52 1.42 0.33
CA LEU A 281 2.20 1.84 -0.13
C LEU A 281 2.30 3.28 -0.60
N ALA A 282 1.84 3.54 -1.83
CA ALA A 282 1.83 4.89 -2.38
C ALA A 282 0.43 5.48 -2.29
N LEU A 283 0.31 6.61 -1.59
CA LEU A 283 -0.96 7.22 -1.26
C LEU A 283 -1.09 8.51 -2.06
N MET A 284 -2.07 8.56 -2.95
CA MET A 284 -2.29 9.77 -3.73
C MET A 284 -2.94 10.85 -2.87
N SER A 285 -2.41 12.05 -2.97
CA SER A 285 -2.98 13.20 -2.28
C SER A 285 -3.61 14.13 -3.31
N GLU A 286 -4.74 14.75 -2.96
CA GLU A 286 -5.33 15.82 -3.75
C GLU A 286 -4.54 17.12 -3.67
N ASP A 287 -3.54 17.20 -2.80
CA ASP A 287 -2.79 18.44 -2.56
C ASP A 287 -1.56 18.06 -1.74
N ILE A 288 -0.49 17.64 -2.42
CA ILE A 288 0.64 17.04 -1.73
C ILE A 288 1.33 18.08 -0.86
N PHE A 289 1.25 19.35 -1.22
CA PHE A 289 1.86 20.38 -0.39
C PHE A 289 1.17 20.45 0.97
N ARG A 290 -0.16 20.45 0.98
CA ARG A 290 -0.86 20.48 2.25
C ARG A 290 -0.62 19.19 3.03
N THR A 291 -0.64 18.04 2.35
CA THR A 291 -0.40 16.78 3.05
C THR A 291 0.95 16.78 3.75
N LEU A 292 2.00 17.21 3.03
CA LEU A 292 3.32 17.18 3.63
C LEU A 292 3.47 18.22 4.73
N ARG A 293 2.85 19.41 4.58
CA ARG A 293 2.87 20.37 5.68
C ARG A 293 2.27 19.75 6.94
N GLU A 294 1.12 19.10 6.78
CA GLU A 294 0.41 18.56 7.94
C GLU A 294 1.16 17.37 8.53
N MET A 295 1.65 16.46 7.68
CA MET A 295 2.39 15.32 8.22
C MET A 295 3.68 15.76 8.89
N ARG A 296 4.38 16.74 8.31
CA ARG A 296 5.66 17.14 8.89
C ARG A 296 5.49 17.87 10.21
N LYS A 297 4.39 18.61 10.38
CA LYS A 297 4.11 19.23 11.68
C LYS A 297 4.00 18.17 12.79
N ARG A 298 3.64 16.94 12.42
CA ARG A 298 3.35 15.92 13.40
C ARG A 298 4.43 14.87 13.52
N SER A 299 5.52 14.97 12.75
CA SER A 299 6.54 13.93 12.75
C SER A 299 7.06 13.65 14.17
N SER A 300 7.35 14.70 14.93
CA SER A 300 7.97 14.52 16.23
C SER A 300 6.98 14.49 17.37
N ILE A 301 5.68 14.54 17.08
CA ILE A 301 4.65 14.41 18.09
C ILE A 301 3.69 13.26 17.77
N GLY A 302 4.25 12.12 17.36
CA GLY A 302 3.48 10.90 17.21
C GLY A 302 3.27 10.45 15.77
N GLY A 303 3.57 11.29 14.79
CA GLY A 303 3.32 10.97 13.39
C GLY A 303 4.47 10.24 12.75
N PHE A 304 4.69 10.54 11.48
CA PHE A 304 5.68 9.82 10.67
C PHE A 304 6.83 10.73 10.30
N ASP A 305 8.03 10.18 10.29
CA ASP A 305 9.22 10.88 9.82
C ASP A 305 9.37 10.67 8.33
N PHE A 306 10.15 11.55 7.71
CA PHE A 306 10.39 11.44 6.28
C PHE A 306 11.88 11.19 6.06
N MET A 307 12.19 10.51 4.95
CA MET A 307 13.57 10.24 4.62
C MET A 307 14.33 11.55 4.42
N PRO A 308 15.66 11.53 4.56
CA PRO A 308 16.44 12.77 4.42
C PRO A 308 16.18 13.47 3.09
N SER A 309 16.01 14.79 3.17
CA SER A 309 15.68 15.59 2.01
C SER A 309 16.86 15.69 1.05
N PRO A 310 16.61 15.94 -0.23
CA PRO A 310 17.72 16.12 -1.16
C PRO A 310 18.45 17.43 -0.90
N PRO A 311 19.68 17.57 -1.36
CA PRO A 311 20.41 18.83 -1.18
C PRO A 311 19.82 19.92 -2.07
N PRO A 312 20.16 21.19 -1.83
CA PRO A 312 19.59 22.27 -2.65
C PRO A 312 19.93 22.14 -4.12
N THR A 313 21.03 21.47 -4.45
CA THR A 313 21.35 21.25 -5.86
C THR A 313 20.23 20.52 -6.58
N TYR A 314 19.57 19.58 -5.89
CA TYR A 314 18.44 18.88 -6.50
C TYR A 314 17.36 19.86 -6.91
N TYR A 315 17.08 20.86 -6.08
CA TYR A 315 16.04 21.82 -6.42
C TYR A 315 16.53 22.86 -7.41
N GLN A 316 17.82 23.20 -7.36
CA GLN A 316 18.40 24.02 -8.42
C GLN A 316 18.24 23.36 -9.78
N ASN A 317 18.37 22.03 -9.84
CA ASN A 317 18.24 21.29 -11.09
C ASN A 317 16.79 21.07 -11.50
N LEU A 318 15.82 21.41 -10.65
CA LEU A 318 14.42 21.17 -10.98
C LEU A 318 13.93 22.10 -12.08
N LYS A 319 14.42 23.35 -12.09
CA LYS A 319 13.94 24.31 -13.08
C LYS A 319 14.15 23.78 -14.50
N LYS A 320 15.33 23.22 -14.77
CA LYS A 320 15.64 22.70 -16.10
C LYS A 320 14.84 21.47 -16.48
N ARG A 321 14.21 20.79 -15.52
CA ARG A 321 13.52 19.54 -15.80
C ARG A 321 12.00 19.66 -15.78
N VAL A 322 11.44 20.57 -14.97
CA VAL A 322 9.99 20.64 -14.82
C VAL A 322 9.54 22.10 -14.76
N GLY A 323 10.42 23.03 -15.17
CA GLY A 323 10.09 24.45 -15.12
C GLY A 323 8.87 24.84 -15.93
N ASP A 324 8.45 23.98 -16.87
CA ASP A 324 7.24 24.18 -17.64
C ASP A 324 5.99 23.62 -16.95
N VAL A 325 6.17 22.81 -15.91
CA VAL A 325 5.06 22.24 -15.17
C VAL A 325 4.83 22.96 -13.85
N LEU A 326 5.90 23.36 -13.17
CA LEU A 326 5.83 23.96 -11.86
C LEU A 326 6.43 25.35 -11.88
N SER A 327 5.76 26.29 -11.25
CA SER A 327 6.29 27.64 -11.13
C SER A 327 7.50 27.65 -10.18
N ASP A 328 8.21 28.78 -10.18
CA ASP A 328 9.30 28.95 -9.22
C ASP A 328 8.81 28.81 -7.80
N ASP A 329 7.64 29.39 -7.49
CA ASP A 329 7.08 29.28 -6.15
C ASP A 329 6.74 27.82 -5.82
N GLN A 330 6.16 27.11 -6.79
CA GLN A 330 5.80 25.71 -6.60
C GLN A 330 7.04 24.82 -6.49
N ILE A 331 8.12 25.17 -7.20
CA ILE A 331 9.39 24.47 -7.03
C ILE A 331 9.99 24.80 -5.68
N LYS A 332 9.94 26.08 -5.27
CA LYS A 332 10.45 26.43 -3.94
C LYS A 332 9.63 25.77 -2.84
N GLU A 333 8.34 25.57 -3.08
CA GLU A 333 7.50 24.87 -2.10
C GLU A 333 7.89 23.40 -1.98
N CYS A 334 8.21 22.75 -3.11
CA CYS A 334 8.81 21.42 -3.06
C CYS A 334 10.07 21.41 -2.20
N GLU A 335 10.93 22.43 -2.35
CA GLU A 335 12.18 22.43 -1.61
C GLU A 335 11.94 22.53 -0.11
N GLU A 336 10.97 23.35 0.30
CA GLU A 336 10.70 23.48 1.73
C GLU A 336 10.29 22.14 2.34
N LEU A 337 9.57 21.33 1.57
CA LEU A 337 8.93 20.11 2.07
C LEU A 337 9.73 18.85 1.77
N GLY A 338 10.85 18.96 1.05
CA GLY A 338 11.61 17.80 0.66
C GLY A 338 11.01 16.97 -0.45
N ILE A 339 10.03 17.51 -1.19
CA ILE A 339 9.35 16.74 -2.22
C ILE A 339 10.28 16.49 -3.40
N LEU A 340 10.21 15.27 -3.95
CA LEU A 340 10.90 14.86 -5.16
C LEU A 340 9.99 14.99 -6.36
N VAL A 341 10.58 15.22 -7.52
CA VAL A 341 9.83 15.37 -8.78
C VAL A 341 10.47 14.49 -9.84
N ASP A 342 9.65 13.69 -10.52
CA ASP A 342 10.10 12.98 -11.71
C ASP A 342 9.09 13.20 -12.83
N ARG A 343 9.48 12.84 -14.03
CA ARG A 343 8.65 13.06 -15.18
C ARG A 343 8.89 11.99 -16.22
N ASP A 344 7.82 11.67 -16.91
CA ASP A 344 7.74 10.73 -17.98
C ASP A 344 7.64 11.47 -19.27
N ASP A 345 7.23 10.72 -20.28
CA ASP A 345 6.94 11.23 -21.60
C ASP A 345 5.50 11.73 -21.60
N GLN A 346 4.71 11.29 -20.64
CA GLN A 346 3.34 11.61 -20.53
C GLN A 346 3.04 12.61 -19.47
N GLY A 347 3.61 12.44 -18.29
CA GLY A 347 3.29 13.31 -17.16
C GLY A 347 4.32 13.56 -16.11
N THR A 348 3.93 14.19 -15.02
CA THR A 348 4.86 14.57 -13.96
C THR A 348 4.41 13.99 -12.63
N LEU A 349 5.38 13.56 -11.81
CA LEU A 349 5.13 12.93 -10.53
C LEU A 349 5.80 13.73 -9.42
N LEU A 350 5.02 14.12 -8.41
CA LEU A 350 5.56 14.62 -7.15
C LEU A 350 5.47 13.48 -6.13
N GLN A 351 6.56 13.25 -5.38
CA GLN A 351 6.59 12.10 -4.47
C GLN A 351 7.51 12.38 -3.29
N ILE A 352 7.28 11.66 -2.19
CA ILE A 352 8.17 11.72 -1.04
C ILE A 352 7.91 10.47 -0.21
N PHE A 353 8.89 10.08 0.58
CA PHE A 353 8.90 8.78 1.26
C PHE A 353 9.06 8.95 2.75
N THR A 354 8.24 8.22 3.53
CA THR A 354 8.45 8.21 4.97
C THR A 354 9.63 7.32 5.32
N LYS A 355 10.15 7.52 6.53
CA LYS A 355 10.99 6.50 7.12
C LYS A 355 10.13 5.28 7.42
N PRO A 356 10.74 4.14 7.76
CA PRO A 356 9.95 2.93 8.01
C PRO A 356 8.87 3.19 9.03
N LEU A 357 7.73 2.54 8.83
CA LEU A 357 6.55 2.77 9.67
C LEU A 357 6.70 2.17 11.06
N GLY A 358 7.58 1.19 11.23
CA GLY A 358 7.70 0.53 12.51
C GLY A 358 9.14 0.27 12.89
N ASP A 359 9.37 -0.72 13.76
CA ASP A 359 10.70 -0.98 14.28
C ASP A 359 11.68 -1.40 13.19
N ARG A 360 11.19 -2.22 12.22
CA ARG A 360 12.14 -2.79 11.26
C ARG A 360 12.23 -1.91 10.03
N PRO A 361 13.50 -1.87 9.34
CA PRO A 361 13.67 -1.08 8.12
C PRO A 361 13.03 -1.76 6.92
N THR A 362 11.71 -1.98 6.99
CA THR A 362 11.02 -2.79 6.01
C THR A 362 10.00 -1.90 5.29
N ILE A 363 8.74 -1.88 5.76
CA ILE A 363 7.69 -1.15 5.06
C ILE A 363 7.79 0.35 5.33
N PHE A 364 7.55 1.15 4.30
CA PHE A 364 7.41 2.60 4.45
C PHE A 364 6.25 3.04 3.55
N ILE A 365 5.93 4.33 3.61
CA ILE A 365 4.83 4.91 2.84
C ILE A 365 5.39 5.97 1.90
N GLU A 366 4.79 6.06 0.71
CA GLU A 366 5.07 7.12 -0.25
C GLU A 366 3.83 7.99 -0.39
N ILE A 367 4.01 9.32 -0.38
CA ILE A 367 2.94 10.24 -0.72
C ILE A 367 3.20 10.74 -2.13
N ILE A 368 2.16 10.76 -2.97
CA ILE A 368 2.34 11.16 -4.36
C ILE A 368 1.20 12.05 -4.83
N GLN A 369 1.52 12.84 -5.85
CA GLN A 369 0.49 13.50 -6.65
C GLN A 369 0.99 13.54 -8.08
N ARG A 370 0.08 13.32 -9.02
CA ARG A 370 0.38 13.19 -10.43
C ARG A 370 -0.23 14.34 -11.23
N VAL A 371 0.51 14.86 -12.19
CA VAL A 371 0.08 15.98 -13.03
C VAL A 371 0.13 15.52 -14.48
N GLY A 372 -1.01 15.62 -15.17
CA GLY A 372 -1.08 15.29 -16.58
C GLY A 372 -2.05 14.19 -16.94
N CYS A 373 -1.92 13.63 -18.15
CA CYS A 373 -2.69 12.47 -18.61
C CYS A 373 -4.19 12.65 -18.40
N MET A 374 -4.68 13.80 -18.79
CA MET A 374 -6.06 14.06 -18.63
C MET A 374 -6.78 13.52 -19.84
N MET A 375 -7.82 12.76 -19.59
CA MET A 375 -8.63 12.18 -20.63
C MET A 375 -10.08 12.52 -20.33
N TYR A 383 -10.84 12.66 -16.70
CA TYR A 383 -10.17 11.91 -15.65
C TYR A 383 -8.70 11.77 -15.94
N GLN A 384 -7.95 11.23 -14.98
CA GLN A 384 -6.52 11.05 -15.16
C GLN A 384 -6.22 9.56 -15.31
N SER A 385 -5.39 9.23 -16.29
CA SER A 385 -5.07 7.81 -16.47
C SER A 385 -4.06 7.37 -15.42
N GLY A 386 -4.04 6.07 -15.16
CA GLY A 386 -3.24 5.56 -14.06
C GLY A 386 -1.76 5.54 -14.37
N GLY A 387 -0.96 5.73 -13.32
CA GLY A 387 0.47 5.71 -13.51
C GLY A 387 1.03 6.92 -14.20
N CYS A 388 0.24 7.99 -14.35
CA CYS A 388 0.70 9.21 -15.01
C CYS A 388 1.98 9.78 -14.41
N GLY A 389 3.08 9.74 -15.16
CA GLY A 389 4.37 10.22 -14.67
C GLY A 389 5.28 9.11 -14.20
N GLY A 390 4.77 7.89 -14.05
CA GLY A 390 5.62 6.76 -13.71
C GLY A 390 5.69 6.54 -12.21
N PHE A 391 6.83 6.07 -11.73
CA PHE A 391 6.98 5.70 -10.33
C PHE A 391 8.19 6.36 -9.69
N GLY A 392 8.86 7.26 -10.41
CA GLY A 392 9.96 8.02 -9.85
C GLY A 392 11.33 7.40 -10.04
N LYS A 393 11.44 6.42 -10.94
CA LYS A 393 12.71 5.73 -11.12
C LYS A 393 13.82 6.68 -11.56
N GLY A 394 13.46 7.76 -12.28
CA GLY A 394 14.44 8.77 -12.65
C GLY A 394 15.02 9.51 -11.46
N ASN A 395 14.39 9.40 -10.29
CA ASN A 395 14.90 10.11 -9.14
C ASN A 395 16.06 9.39 -8.46
N PHE A 396 16.34 8.13 -8.82
CA PHE A 396 17.55 7.46 -8.29
C PHE A 396 18.81 8.16 -8.80
N SER A 397 18.93 8.28 -10.11
CA SER A 397 20.09 8.97 -10.68
C SER A 397 20.10 10.46 -10.32
N GLU A 398 18.94 11.11 -10.41
CA GLU A 398 18.92 12.55 -10.16
C GLU A 398 19.22 12.88 -8.71
N LEU A 399 18.88 11.97 -7.78
CA LEU A 399 19.31 12.16 -6.41
C LEU A 399 20.80 11.97 -6.29
N PHE A 400 21.31 10.82 -6.78
CA PHE A 400 22.74 10.53 -6.71
C PHE A 400 23.58 11.67 -7.28
N LYS A 401 23.21 12.17 -8.46
CA LYS A 401 23.90 13.31 -9.04
C LYS A 401 23.88 14.49 -8.09
N SER A 402 22.70 14.83 -7.56
CA SER A 402 22.56 15.98 -6.69
C SER A 402 23.51 15.91 -5.50
N ILE A 403 23.71 14.71 -4.94
CA ILE A 403 24.57 14.59 -3.78
C ILE A 403 26.02 14.84 -4.16
N GLU A 404 26.48 14.26 -5.27
CA GLU A 404 27.85 14.48 -5.69
C GLU A 404 28.07 15.92 -6.16
N GLU A 405 27.08 16.51 -6.83
CA GLU A 405 27.16 17.92 -7.20
C GLU A 405 27.27 18.80 -5.97
N TYR A 406 26.39 18.57 -4.98
CA TYR A 406 26.41 19.37 -3.76
C TYR A 406 27.64 19.14 -2.91
N GLU A 407 28.34 18.01 -3.10
CA GLU A 407 29.57 17.76 -2.36
C GLU A 407 30.59 18.87 -2.57
N LYS A 408 30.55 19.54 -3.73
CA LYS A 408 31.38 20.69 -4.11
C LYS A 408 32.38 21.21 -3.07
CO CO B . 6.30 4.02 -5.46
C13 YFM C . 9.28 3.64 -5.83
C17 YFM C . 10.51 0.76 -8.25
C20 YFM C . 7.95 2.03 -7.29
C24 YFM C . 14.83 5.02 -0.80
C26 YFM C . 13.76 8.43 -5.45
C28 YFM C . 17.08 4.74 -2.24
C01 YFM C . 10.47 4.39 -5.36
C02 YFM C . 10.69 5.58 -6.26
C03 YFM C . 11.81 6.50 -5.85
C04 YFM C . 12.58 6.18 -4.60
C05 YFM C . 12.39 4.97 -3.62
C06 YFM C . 11.22 4.04 -4.06
C08 YFM C . 14.81 7.47 -3.24
C09 YFM C . 14.65 6.45 -2.27
C11 YFM C . 13.12 4.77 -2.53
C12 YFM C . 10.75 2.79 -3.34
C14 YFM C . 9.27 2.38 -6.63
C16 YFM C . 10.57 1.79 -7.13
C18 YFM C . 9.34 1.08 -9.21
C19 YFM C . 7.99 1.09 -8.49
C27 YFM C . 16.30 5.45 -1.10
C29 YFM C . 18.48 5.21 -2.63
C30 YFM C . 19.11 6.38 -1.88
C31 YFM C . 18.35 7.11 -0.77
C32 YFM C . 16.96 6.65 -0.37
C34 YFM C . 20.32 7.59 -3.43
F35 YFM C . 19.14 8.29 -3.44
F36 YFM C . 21.35 8.50 -3.46
F37 YFM C . 20.39 6.82 -4.56
N07 YFM C . 13.74 7.39 -4.47
N10 YFM C . 14.14 5.49 -2.03
O15 YFM C . 8.28 4.21 -5.51
O21 YFM C . 11.69 1.91 -6.30
O22 YFM C . 6.94 2.52 -6.88
O23 YFM C . 12.88 3.81 -1.88
O25 YFM C . 15.60 8.33 -3.14
O33 YFM C . 20.39 6.79 -2.27
#